data_8JHQ
#
_entry.id   8JHQ
#
_cell.length_a   1.00
_cell.length_b   1.00
_cell.length_c   1.00
_cell.angle_alpha   90.00
_cell.angle_beta   90.00
_cell.angle_gamma   90.00
#
_symmetry.space_group_name_H-M   'P 1'
#
loop_
_entity.id
_entity.type
_entity.pdbx_description
1 polymer 'Sphingosine-1-phosphate transporter SPNS2,GlgA glycogen synthase'
2 non-polymer '(2S,3R,4E)-2-amino-3-hydroxyoctadec-4-en-1-yl dihydrogen phosphate'
#
_entity_poly.entity_id   1
_entity_poly.type   'polypeptide(L)'
_entity_poly.pdbx_seq_one_letter_code
;MDYKDDDDKLEVLFQGPGSMMCLECASAAAGGAEEEEADAERRRRRRGAQRGAGGSGCCGARGAGGAGVSAAGDEVQTLS
GSVRRAPTGPPGTPGTPGCAATAKGPGAQQPKPASLGRGRGAAAAILSLGNVLNYLDRYTVAGVLLDIQQHFGVKDRGAG
LLQSVFICSFMVAAPIFGYLGDRFNRKVILSCGIFFWSAVTFSSSFIPQQYFWLLVLSRGLVGIGEASYSTIAPTIIGDL
FGIDCSFWNESYLTGSRDERKKSLLSKFGMDEGVTFMFIGRFDRGQKGVDVLLKAIEILSSKKEFQEMRFIIIGKGDPEL
EGWARSLEEKHGNVKVITEMLSREFVRELYGSVDFVIIPSYFEPFGLVALEAMCLGAIPIASAVGGLRDIITNETGILVK
AGDPGELANAILKALELSRSDLSKFRENCKKRAMSFSTKNTRTLMLSVFYFAIPLGSGLGYITGSSVKQAAGDWHWALRV
SPVLGMITGTLILILVPATKRGHADQLGDQLKARTSWLRDMKALIRNRSYVFSSLATSAVSFATGALGMWIPLYLHRAQV
VQKTAETCNSPPCGAKDSLIFGAITCFTGFLGVVTGAGATRWCRLKTQRADPLVCAVGMLGSAIFICLIFVAAKSSIVGA
YICIFVGETLLFSNWAITADILMYVVIPTRRATAVALQSFTSHLLGDAGSPYLIGFISDLIRQSTKDSPLWEFLSLGYAL
MLCPFVVVLGGMFFLATALFFVSDRARAEQQVNQLAMPPASVKV
;
_entity_poly.pdbx_strand_id   A
#
# COMPACT_ATOMS: atom_id res chain seq x y z
N ALA A 114 11.97 15.25 32.85
CA ALA A 114 12.70 16.07 31.89
C ALA A 114 12.53 15.54 30.47
N SER A 115 13.44 15.93 29.58
CA SER A 115 13.41 15.51 28.19
C SER A 115 14.49 14.47 27.94
N LEU A 116 14.09 13.34 27.37
CA LEU A 116 15.05 12.28 27.04
C LEU A 116 15.95 12.74 25.90
N GLY A 117 17.26 12.57 26.09
CA GLY A 117 18.23 13.07 25.12
C GLY A 117 18.25 12.34 23.81
N ARG A 118 18.69 11.08 23.83
CA ARG A 118 18.85 10.30 22.61
C ARG A 118 17.67 9.39 22.32
N GLY A 119 16.78 9.18 23.29
CA GLY A 119 15.69 8.24 23.09
C GLY A 119 14.70 8.68 22.03
N ARG A 120 14.35 9.96 22.02
CA ARG A 120 13.36 10.45 21.07
C ARG A 120 13.85 10.36 19.63
N GLY A 121 15.17 10.27 19.42
CA GLY A 121 15.69 10.09 18.08
C GLY A 121 15.91 8.63 17.76
N ALA A 122 16.40 7.87 18.75
CA ALA A 122 16.63 6.45 18.54
C ALA A 122 15.34 5.71 18.24
N ALA A 123 14.26 6.04 18.96
CA ALA A 123 12.97 5.41 18.70
C ALA A 123 12.49 5.71 17.29
N ALA A 124 12.61 6.97 16.86
CA ALA A 124 12.15 7.34 15.52
C ALA A 124 12.95 6.60 14.45
N ALA A 125 14.27 6.55 14.60
CA ALA A 125 15.09 5.86 13.61
C ALA A 125 14.78 4.36 13.58
N ILE A 126 14.62 3.75 14.75
CA ILE A 126 14.35 2.32 14.82
C ILE A 126 12.99 2.00 14.19
N LEU A 127 11.98 2.82 14.49
CA LEU A 127 10.66 2.56 13.93
C LEU A 127 10.62 2.81 12.42
N SER A 128 11.37 3.80 11.93
CA SER A 128 11.46 4.00 10.50
C SER A 128 12.11 2.80 9.81
N LEU A 129 13.20 2.28 10.41
CA LEU A 129 13.83 1.08 9.86
C LEU A 129 12.87 -0.10 9.90
N GLY A 130 12.08 -0.21 10.97
CA GLY A 130 11.10 -1.28 11.06
C GLY A 130 10.04 -1.19 9.98
N ASN A 131 9.56 0.02 9.71
CA ASN A 131 8.57 0.20 8.64
C ASN A 131 9.16 -0.13 7.28
N VAL A 132 10.41 0.27 7.03
CA VAL A 132 11.06 -0.06 5.77
C VAL A 132 11.15 -1.57 5.62
N LEU A 133 11.58 -2.26 6.68
CA LEU A 133 11.67 -3.72 6.64
C LEU A 133 10.30 -4.36 6.47
N ASN A 134 9.27 -3.75 7.07
CA ASN A 134 7.91 -4.25 6.94
C ASN A 134 7.46 -4.25 5.49
N TYR A 135 7.64 -3.13 4.80
CA TYR A 135 7.22 -3.07 3.40
C TYR A 135 8.11 -3.93 2.51
N LEU A 136 9.40 -4.05 2.85
CA LEU A 136 10.26 -4.96 2.10
C LEU A 136 9.76 -6.40 2.21
N ASP A 137 9.39 -6.82 3.43
CA ASP A 137 8.81 -8.15 3.61
C ASP A 137 7.52 -8.29 2.83
N ARG A 138 6.72 -7.22 2.79
CA ARG A 138 5.45 -7.28 2.08
C ARG A 138 5.65 -7.53 0.60
N TYR A 139 6.60 -6.83 -0.03
CA TYR A 139 6.73 -6.90 -1.48
C TYR A 139 7.78 -7.89 -1.98
N THR A 140 8.54 -8.52 -1.09
CA THR A 140 9.55 -9.47 -1.56
C THR A 140 8.93 -10.71 -2.19
N VAL A 141 7.67 -11.02 -1.91
CA VAL A 141 7.03 -12.17 -2.54
C VAL A 141 6.46 -11.82 -3.92
N ALA A 142 6.04 -10.57 -4.11
CA ALA A 142 5.63 -10.13 -5.44
C ALA A 142 6.83 -9.85 -6.34
N GLY A 143 8.01 -9.65 -5.76
CA GLY A 143 9.19 -9.44 -6.58
C GLY A 143 9.57 -10.66 -7.42
N VAL A 144 9.32 -11.86 -6.91
CA VAL A 144 9.83 -13.08 -7.53
C VAL A 144 8.67 -14.01 -7.88
N LEU A 145 7.52 -13.43 -8.22
CA LEU A 145 6.32 -14.22 -8.47
C LEU A 145 6.49 -15.26 -9.57
N LEU A 146 7.29 -14.94 -10.59
CA LEU A 146 7.45 -15.86 -11.70
C LEU A 146 8.09 -17.17 -11.26
N ASP A 147 9.11 -17.08 -10.39
CA ASP A 147 9.77 -18.29 -9.91
C ASP A 147 8.82 -19.15 -9.11
N ILE A 148 7.97 -18.53 -8.26
CA ILE A 148 6.97 -19.28 -7.52
C ILE A 148 6.02 -19.98 -8.47
N GLN A 149 5.57 -19.26 -9.50
CA GLN A 149 4.64 -19.85 -10.47
C GLN A 149 5.27 -21.05 -11.16
N GLN A 150 6.54 -20.94 -11.55
CA GLN A 150 7.19 -22.06 -12.23
C GLN A 150 7.42 -23.23 -11.29
N HIS A 151 7.81 -22.96 -10.04
CA HIS A 151 8.16 -24.03 -9.13
C HIS A 151 6.93 -24.79 -8.65
N PHE A 152 5.87 -24.08 -8.28
CA PHE A 152 4.70 -24.73 -7.71
C PHE A 152 3.70 -25.22 -8.74
N GLY A 153 3.91 -24.88 -10.02
CA GLY A 153 3.02 -25.35 -11.07
C GLY A 153 1.59 -24.82 -10.98
N VAL A 154 1.45 -23.52 -10.75
CA VAL A 154 0.14 -22.90 -10.63
C VAL A 154 -0.02 -21.86 -11.74
N LYS A 155 -1.27 -21.50 -12.00
CA LYS A 155 -1.60 -20.53 -13.04
C LYS A 155 -1.69 -19.12 -12.42
N ASP A 156 -2.22 -18.17 -13.18
CA ASP A 156 -2.28 -16.79 -12.72
C ASP A 156 -3.20 -16.64 -11.51
N ARG A 157 -4.25 -17.45 -11.42
CA ARG A 157 -5.14 -17.37 -10.28
C ARG A 157 -4.41 -17.67 -8.98
N GLY A 158 -3.59 -18.73 -9.00
CA GLY A 158 -2.77 -19.04 -7.84
C GLY A 158 -1.78 -17.95 -7.51
N ALA A 159 -1.24 -17.29 -8.54
CA ALA A 159 -0.31 -16.19 -8.31
C ALA A 159 -1.00 -15.03 -7.60
N GLY A 160 -2.20 -14.66 -8.04
CA GLY A 160 -2.91 -13.57 -7.40
C GLY A 160 -3.48 -13.91 -6.03
N LEU A 161 -3.69 -15.21 -5.77
CA LEU A 161 -4.27 -15.62 -4.50
C LEU A 161 -3.40 -15.22 -3.32
N LEU A 162 -2.08 -15.21 -3.49
CA LEU A 162 -1.19 -14.86 -2.39
C LEU A 162 -1.44 -13.44 -1.90
N GLN A 163 -1.41 -12.48 -2.82
CA GLN A 163 -1.63 -11.09 -2.43
C GLN A 163 -3.06 -10.88 -1.96
N SER A 164 -4.04 -11.55 -2.59
CA SER A 164 -5.42 -11.37 -2.15
C SER A 164 -5.59 -11.84 -0.71
N VAL A 165 -5.04 -13.01 -0.38
CA VAL A 165 -5.16 -13.53 0.98
C VAL A 165 -4.42 -12.64 1.96
N PHE A 166 -3.24 -12.15 1.58
CA PHE A 166 -2.49 -11.27 2.49
C PHE A 166 -3.28 -10.00 2.80
N ILE A 167 -3.87 -9.39 1.78
CA ILE A 167 -4.62 -8.16 1.99
C ILE A 167 -5.86 -8.43 2.83
N CYS A 168 -6.54 -9.56 2.58
CA CYS A 168 -7.72 -9.88 3.39
C CYS A 168 -7.35 -10.08 4.86
N SER A 169 -6.24 -10.77 5.12
CA SER A 169 -5.81 -10.98 6.50
C SER A 169 -5.45 -9.66 7.17
N PHE A 170 -4.75 -8.78 6.45
CA PHE A 170 -4.44 -7.46 6.99
C PHE A 170 -5.70 -6.69 7.31
N MET A 171 -6.68 -6.73 6.38
CA MET A 171 -7.97 -6.10 6.58
C MET A 171 -8.61 -6.54 7.88
N VAL A 172 -8.71 -7.86 8.09
CA VAL A 172 -9.38 -8.36 9.28
C VAL A 172 -8.59 -8.02 10.54
N ALA A 173 -7.25 -8.13 10.47
CA ALA A 173 -6.44 -8.02 11.67
C ALA A 173 -6.26 -6.58 12.15
N ALA A 174 -6.34 -5.59 11.26
CA ALA A 174 -5.99 -4.23 11.68
C ALA A 174 -6.86 -3.69 12.82
N PRO A 175 -8.20 -3.72 12.75
CA PRO A 175 -8.98 -3.13 13.85
C PRO A 175 -8.78 -3.83 15.19
N ILE A 176 -8.61 -5.16 15.17
CA ILE A 176 -8.43 -5.89 16.43
C ILE A 176 -7.13 -5.47 17.10
N PHE A 177 -6.06 -5.35 16.32
CA PHE A 177 -4.78 -4.94 16.90
C PHE A 177 -4.82 -3.48 17.34
N GLY A 178 -5.56 -2.63 16.62
CA GLY A 178 -5.75 -1.27 17.11
C GLY A 178 -6.44 -1.24 18.47
N TYR A 179 -7.50 -2.04 18.61
CA TYR A 179 -8.19 -2.15 19.89
C TYR A 179 -7.23 -2.63 20.97
N LEU A 180 -6.48 -3.69 20.68
CA LEU A 180 -5.57 -4.24 21.68
C LEU A 180 -4.52 -3.23 22.11
N GLY A 181 -3.95 -2.49 21.14
CA GLY A 181 -2.95 -1.49 21.48
C GLY A 181 -3.52 -0.25 22.14
N ASP A 182 -4.83 -0.04 22.02
CA ASP A 182 -5.43 1.12 22.68
C ASP A 182 -5.29 1.05 24.19
N ARG A 183 -5.48 -0.14 24.78
CA ARG A 183 -5.50 -0.27 26.23
C ARG A 183 -4.36 -1.09 26.80
N PHE A 184 -3.95 -2.17 26.13
CA PHE A 184 -2.90 -3.03 26.65
C PHE A 184 -1.54 -2.39 26.41
N ASN A 185 -0.48 -3.14 26.77
CA ASN A 185 0.87 -2.67 26.54
C ASN A 185 1.18 -2.65 25.04
N ARG A 186 2.08 -1.76 24.65
CA ARG A 186 2.36 -1.51 23.24
C ARG A 186 3.66 -2.13 22.76
N LYS A 187 4.76 -1.92 23.50
CA LYS A 187 6.06 -2.36 23.02
C LYS A 187 6.13 -3.88 22.92
N VAL A 188 5.54 -4.59 23.90
CA VAL A 188 5.54 -6.05 23.84
C VAL A 188 4.73 -6.54 22.65
N ILE A 189 3.60 -5.88 22.35
CA ILE A 189 2.80 -6.26 21.19
C ILE A 189 3.59 -6.06 19.91
N LEU A 190 4.28 -4.92 19.80
CA LEU A 190 5.06 -4.62 18.61
C LEU A 190 6.18 -5.64 18.42
N SER A 191 6.90 -5.97 19.51
CA SER A 191 7.98 -6.95 19.41
C SER A 191 7.44 -8.32 19.06
N CYS A 192 6.30 -8.71 19.64
CA CYS A 192 5.69 -9.99 19.32
C CYS A 192 5.29 -10.06 17.86
N GLY A 193 4.74 -8.98 17.31
CA GLY A 193 4.39 -8.96 15.90
C GLY A 193 5.61 -9.06 15.01
N ILE A 194 6.68 -8.32 15.33
CA ILE A 194 7.92 -8.41 14.56
C ILE A 194 8.43 -9.84 14.54
N PHE A 195 8.54 -10.45 15.72
CA PHE A 195 9.05 -11.81 15.81
C PHE A 195 8.14 -12.78 15.08
N PHE A 196 6.83 -12.59 15.18
CA PHE A 196 5.89 -13.52 14.57
C PHE A 196 6.01 -13.51 13.06
N TRP A 197 5.98 -12.33 12.43
CA TRP A 197 6.03 -12.43 10.96
C TRP A 197 7.44 -12.75 10.49
N SER A 198 8.48 -12.37 11.24
CA SER A 198 9.82 -12.80 10.86
C SER A 198 9.94 -14.32 10.86
N ALA A 199 9.44 -14.95 11.93
CA ALA A 199 9.51 -16.41 12.01
C ALA A 199 8.66 -17.07 10.93
N VAL A 200 7.46 -16.54 10.67
CA VAL A 200 6.60 -17.13 9.65
C VAL A 200 7.25 -17.01 8.27
N THR A 201 7.82 -15.83 7.96
CA THR A 201 8.49 -15.66 6.67
C THR A 201 9.67 -16.60 6.54
N PHE A 202 10.45 -16.77 7.62
CA PHE A 202 11.60 -17.67 7.56
C PHE A 202 11.15 -19.11 7.35
N SER A 203 10.06 -19.52 8.02
CA SER A 203 9.61 -20.90 7.92
C SER A 203 8.94 -21.19 6.58
N SER A 204 8.35 -20.17 5.95
CA SER A 204 7.61 -20.39 4.71
C SER A 204 8.50 -20.78 3.54
N SER A 205 9.82 -20.63 3.66
CA SER A 205 10.74 -20.94 2.58
C SER A 205 11.13 -22.42 2.53
N PHE A 206 10.66 -23.22 3.49
CA PHE A 206 11.01 -24.64 3.54
C PHE A 206 9.90 -25.53 2.99
N ILE A 207 8.81 -24.97 2.49
CA ILE A 207 7.69 -25.77 2.01
C ILE A 207 8.06 -26.43 0.70
N PRO A 208 7.77 -27.72 0.50
CA PRO A 208 8.05 -28.36 -0.80
C PRO A 208 7.08 -27.90 -1.88
N GLN A 209 7.15 -28.52 -3.05
CA GLN A 209 6.38 -28.07 -4.20
C GLN A 209 5.02 -28.77 -4.32
N GLN A 210 4.63 -29.57 -3.32
CA GLN A 210 3.37 -30.29 -3.36
C GLN A 210 2.35 -29.79 -2.37
N TYR A 211 2.63 -28.70 -1.66
CA TYR A 211 1.73 -28.14 -0.64
C TYR A 211 1.55 -26.64 -0.84
N PHE A 212 1.26 -26.24 -2.08
CA PHE A 212 1.14 -24.83 -2.41
C PHE A 212 0.16 -24.11 -1.49
N TRP A 213 -0.97 -24.76 -1.19
CA TRP A 213 -1.98 -24.13 -0.34
C TRP A 213 -1.38 -23.70 0.99
N LEU A 214 -0.50 -24.53 1.56
CA LEU A 214 0.14 -24.16 2.82
C LEU A 214 0.85 -22.81 2.71
N LEU A 215 1.58 -22.60 1.62
CA LEU A 215 2.23 -21.31 1.42
C LEU A 215 1.23 -20.17 1.49
N VAL A 216 0.08 -20.34 0.86
CA VAL A 216 -0.96 -19.32 0.93
C VAL A 216 -1.30 -19.02 2.39
N LEU A 217 -1.51 -20.08 3.18
CA LEU A 217 -1.80 -19.89 4.59
C LEU A 217 -0.72 -19.06 5.28
N SER A 218 0.54 -19.32 4.92
CA SER A 218 1.63 -18.57 5.53
C SER A 218 1.43 -17.07 5.33
N ARG A 219 1.04 -16.66 4.12
CA ARG A 219 0.82 -15.24 3.87
C ARG A 219 -0.21 -14.68 4.83
N GLY A 220 -1.30 -15.42 5.05
CA GLY A 220 -2.29 -14.95 6.00
C GLY A 220 -1.70 -14.67 7.36
N LEU A 221 -0.84 -15.56 7.85
CA LEU A 221 -0.19 -15.32 9.13
C LEU A 221 0.63 -14.05 9.08
N VAL A 222 1.38 -13.84 8.00
CA VAL A 222 2.10 -12.59 7.84
C VAL A 222 1.12 -11.42 7.85
N GLY A 223 -0.01 -11.59 7.17
CA GLY A 223 -1.02 -10.55 7.16
C GLY A 223 -1.50 -10.16 8.54
N ILE A 224 -1.38 -11.06 9.52
CA ILE A 224 -1.67 -10.69 10.90
C ILE A 224 -0.57 -9.80 11.44
N GLY A 225 0.68 -10.30 11.40
CA GLY A 225 1.77 -9.58 12.02
C GLY A 225 1.98 -8.20 11.42
N GLU A 226 1.82 -8.10 10.10
CA GLU A 226 1.90 -6.80 9.43
C GLU A 226 0.93 -5.81 10.06
N ALA A 227 -0.31 -6.24 10.28
CA ALA A 227 -1.30 -5.34 10.86
C ALA A 227 -0.94 -4.90 12.27
N SER A 228 -0.08 -5.65 12.95
CA SER A 228 0.35 -5.27 14.28
C SER A 228 1.32 -4.10 14.26
N TYR A 229 1.90 -3.77 13.10
CA TYR A 229 2.85 -2.67 13.02
C TYR A 229 2.18 -1.37 12.59
N SER A 230 1.60 -1.36 11.39
CA SER A 230 1.11 -0.13 10.80
C SER A 230 -0.03 0.49 11.60
N THR A 231 -0.68 -0.26 12.48
CA THR A 231 -1.74 0.27 13.30
C THR A 231 -1.25 0.77 14.65
N ILE A 232 -0.06 0.35 15.08
CA ILE A 232 0.45 0.68 16.41
C ILE A 232 1.70 1.55 16.34
N ALA A 233 2.59 1.27 15.39
CA ALA A 233 3.84 2.02 15.31
C ALA A 233 3.63 3.53 15.16
N PRO A 234 2.77 4.04 14.27
CA PRO A 234 2.65 5.51 14.17
C PRO A 234 2.22 6.19 15.45
N THR A 235 1.30 5.59 16.21
CA THR A 235 0.75 6.28 17.38
C THR A 235 1.83 6.51 18.43
N ILE A 236 2.83 5.63 18.51
CA ILE A 236 3.92 5.84 19.45
C ILE A 236 4.63 7.15 19.15
N ILE A 237 4.79 7.47 17.86
CA ILE A 237 5.36 8.77 17.48
C ILE A 237 4.54 9.89 18.08
N GLY A 238 3.22 9.81 17.98
CA GLY A 238 2.36 10.83 18.55
C GLY A 238 2.50 10.97 20.05
N ASP A 239 3.02 9.95 20.71
CA ASP A 239 3.27 10.03 22.14
C ASP A 239 4.49 10.91 22.44
N LEU A 240 5.51 10.84 21.59
CA LEU A 240 6.81 11.37 21.95
C LEU A 240 7.07 12.80 21.47
N PHE A 241 6.34 13.28 20.46
CA PHE A 241 6.63 14.61 19.93
C PHE A 241 5.39 15.50 19.91
N LYS A 439 3.85 19.18 17.50
CA LYS A 439 3.96 20.31 16.57
C LYS A 439 4.92 20.04 15.42
N ASN A 440 5.91 20.91 15.25
CA ASN A 440 6.78 20.83 14.07
C ASN A 440 7.60 19.55 14.06
N THR A 441 8.17 19.18 15.21
CA THR A 441 8.94 17.95 15.29
C THR A 441 8.07 16.73 15.02
N ARG A 442 6.85 16.72 15.57
CA ARG A 442 5.93 15.62 15.31
C ARG A 442 5.59 15.52 13.83
N THR A 443 5.34 16.66 13.19
CA THR A 443 5.02 16.66 11.76
C THR A 443 6.20 16.13 10.96
N LEU A 444 7.42 16.58 11.27
CA LEU A 444 8.58 16.11 10.52
C LEU A 444 8.80 14.62 10.71
N MET A 445 8.71 14.14 11.95
CA MET A 445 8.88 12.69 12.20
C MET A 445 7.81 11.95 11.37
N LEU A 446 6.54 12.31 11.55
CA LEU A 446 5.49 11.59 10.85
C LEU A 446 5.73 11.59 9.34
N SER A 447 6.20 12.72 8.80
CA SER A 447 6.51 12.78 7.38
C SER A 447 7.60 11.79 7.01
N VAL A 448 8.66 11.69 7.83
CA VAL A 448 9.72 10.73 7.57
C VAL A 448 9.18 9.31 7.65
N PHE A 449 8.38 9.03 8.68
CA PHE A 449 7.84 7.69 8.87
C PHE A 449 6.98 7.27 7.69
N TYR A 450 6.15 8.18 7.18
CA TYR A 450 5.30 7.84 6.06
C TYR A 450 6.06 7.82 4.74
N PHE A 451 7.11 8.62 4.61
CA PHE A 451 7.95 8.59 3.42
C PHE A 451 8.82 7.36 3.37
N ALA A 452 8.95 6.64 4.49
CA ALA A 452 9.67 5.37 4.48
C ALA A 452 8.99 4.29 3.64
N ILE A 453 7.74 4.48 3.22
CA ILE A 453 6.98 3.45 2.51
C ILE A 453 7.53 3.19 1.11
N PRO A 454 7.57 4.18 0.21
CA PRO A 454 8.05 3.89 -1.15
C PRO A 454 9.47 3.36 -1.18
N LEU A 455 10.33 3.87 -0.28
CA LEU A 455 11.68 3.35 -0.18
C LEU A 455 11.66 1.88 0.19
N GLY A 456 10.79 1.50 1.13
CA GLY A 456 10.68 0.11 1.51
C GLY A 456 10.21 -0.79 0.38
N SER A 457 9.21 -0.34 -0.37
CA SER A 457 8.73 -1.13 -1.50
C SER A 457 9.81 -1.31 -2.55
N GLY A 458 10.51 -0.22 -2.89
CA GLY A 458 11.58 -0.29 -3.85
C GLY A 458 12.65 -1.26 -3.41
N LEU A 459 13.11 -1.14 -2.16
CA LEU A 459 14.11 -2.07 -1.66
C LEU A 459 13.60 -3.50 -1.68
N GLY A 460 12.33 -3.72 -1.37
CA GLY A 460 11.81 -5.08 -1.47
C GLY A 460 12.00 -5.64 -2.86
N TYR A 461 11.62 -4.87 -3.88
CA TYR A 461 11.81 -5.31 -5.25
C TYR A 461 13.28 -5.60 -5.55
N ILE A 462 14.17 -4.66 -5.19
CA ILE A 462 15.57 -4.81 -5.56
C ILE A 462 16.21 -6.01 -4.88
N THR A 463 16.02 -6.16 -3.57
CA THR A 463 16.61 -7.30 -2.88
C THR A 463 16.02 -8.61 -3.38
N GLY A 464 14.72 -8.67 -3.61
CA GLY A 464 14.15 -9.90 -4.15
C GLY A 464 14.81 -10.30 -5.46
N SER A 465 14.84 -9.36 -6.42
CA SER A 465 15.39 -9.68 -7.73
C SER A 465 16.88 -10.01 -7.65
N SER A 466 17.64 -9.23 -6.87
CA SER A 466 19.09 -9.42 -6.82
C SER A 466 19.45 -10.73 -6.13
N VAL A 467 18.75 -11.08 -5.06
CA VAL A 467 19.02 -12.35 -4.40
C VAL A 467 18.64 -13.50 -5.31
N LYS A 468 17.53 -13.38 -6.03
CA LYS A 468 17.17 -14.43 -6.98
C LYS A 468 18.26 -14.59 -8.05
N GLN A 469 18.78 -13.47 -8.56
CA GLN A 469 19.81 -13.54 -9.59
C GLN A 469 21.11 -14.15 -9.06
N ALA A 470 21.61 -13.62 -7.94
CA ALA A 470 22.92 -14.04 -7.45
C ALA A 470 22.89 -15.45 -6.89
N ALA A 471 21.90 -15.76 -6.05
CA ALA A 471 21.87 -17.07 -5.40
C ALA A 471 21.50 -18.18 -6.37
N GLY A 472 20.67 -17.89 -7.36
CA GLY A 472 20.20 -18.88 -8.30
C GLY A 472 18.97 -19.65 -7.87
N ASP A 473 18.51 -19.45 -6.64
CA ASP A 473 17.29 -20.07 -6.14
C ASP A 473 16.44 -19.01 -5.46
N TRP A 474 15.15 -19.01 -5.75
CA TRP A 474 14.26 -18.01 -5.17
C TRP A 474 14.06 -18.20 -3.68
N HIS A 475 14.36 -19.40 -3.15
CA HIS A 475 14.15 -19.67 -1.73
C HIS A 475 14.90 -18.66 -0.86
N TRP A 476 16.15 -18.36 -1.23
CA TRP A 476 16.96 -17.42 -0.45
C TRP A 476 16.30 -16.05 -0.37
N ALA A 477 15.50 -15.68 -1.38
CA ALA A 477 14.83 -14.39 -1.36
C ALA A 477 13.87 -14.27 -0.19
N LEU A 478 13.43 -15.38 0.38
CA LEU A 478 12.54 -15.38 1.52
C LEU A 478 13.26 -15.71 2.83
N ARG A 479 14.59 -15.72 2.82
CA ARG A 479 15.36 -16.08 4.00
C ARG A 479 16.27 -14.98 4.52
N VAL A 480 16.69 -14.04 3.68
CA VAL A 480 17.54 -12.95 4.16
C VAL A 480 16.74 -11.76 4.67
N SER A 481 15.48 -11.63 4.26
CA SER A 481 14.66 -10.52 4.74
C SER A 481 14.38 -10.59 6.25
N PRO A 482 13.95 -11.71 6.82
CA PRO A 482 13.49 -11.67 8.22
C PRO A 482 14.62 -11.68 9.25
N VAL A 483 15.85 -11.98 8.85
CA VAL A 483 16.96 -11.95 9.80
C VAL A 483 17.11 -10.56 10.37
N LEU A 484 17.07 -9.54 9.50
CA LEU A 484 17.11 -8.16 9.97
C LEU A 484 15.94 -7.85 10.90
N GLY A 485 14.82 -8.55 10.73
CA GLY A 485 13.73 -8.41 11.69
C GLY A 485 14.09 -8.95 13.05
N MET A 486 14.74 -10.11 13.08
CA MET A 486 15.08 -10.75 14.36
C MET A 486 15.93 -9.82 15.21
N ILE A 487 16.87 -9.12 14.59
CA ILE A 487 17.64 -8.10 15.32
C ILE A 487 16.74 -6.94 15.70
N THR A 488 15.96 -6.42 14.74
CA THR A 488 15.32 -5.12 14.90
C THR A 488 14.41 -5.10 16.12
N GLY A 489 13.50 -6.06 16.22
CA GLY A 489 12.58 -6.08 17.35
C GLY A 489 13.29 -6.06 18.68
N THR A 490 14.48 -6.67 18.75
CA THR A 490 15.25 -6.67 19.98
C THR A 490 15.47 -5.24 20.47
N LEU A 491 15.97 -4.37 19.61
CA LEU A 491 16.17 -2.98 20.03
C LEU A 491 14.84 -2.32 20.37
N ILE A 492 13.77 -2.67 19.67
CA ILE A 492 12.46 -2.10 19.98
C ILE A 492 12.05 -2.45 21.40
N LEU A 493 12.59 -3.55 21.92
CA LEU A 493 12.29 -3.95 23.29
C LEU A 493 13.24 -3.36 24.32
N ILE A 494 14.35 -2.75 23.90
CA ILE A 494 15.35 -2.29 24.84
C ILE A 494 15.69 -0.82 24.63
N LEU A 495 15.29 -0.25 23.49
CA LEU A 495 15.66 1.12 23.17
C LEU A 495 14.49 2.08 23.02
N VAL A 496 13.27 1.58 22.92
CA VAL A 496 12.10 2.46 22.83
C VAL A 496 11.85 3.06 24.21
N PRO A 497 11.88 4.39 24.35
CA PRO A 497 11.68 5.00 25.66
C PRO A 497 10.27 4.76 26.19
N ALA A 498 10.16 4.65 27.51
CA ALA A 498 8.89 4.47 28.21
C ALA A 498 8.17 3.20 27.78
N THR A 499 6.99 2.96 28.35
CA THR A 499 6.17 1.80 28.00
C THR A 499 4.87 2.22 27.34
N LYS A 500 4.07 3.07 28.01
CA LYS A 500 2.82 3.55 27.44
C LYS A 500 2.44 4.84 28.16
N ARG A 501 2.35 5.94 27.41
CA ARG A 501 2.00 7.23 27.96
C ARG A 501 0.85 7.82 27.14
N GLY A 502 0.40 9.00 27.53
CA GLY A 502 -0.72 9.61 26.85
C GLY A 502 -2.02 8.90 27.14
N HIS A 503 -2.94 8.95 26.17
CA HIS A 503 -4.27 8.35 26.24
C HIS A 503 -4.96 8.63 27.58
N ALA A 504 -4.69 9.80 28.16
CA ALA A 504 -5.29 10.22 29.41
C ALA A 504 -6.37 11.28 29.18
N ASP A 505 -7.11 11.15 28.08
CA ASP A 505 -8.18 12.09 27.76
C ASP A 505 -9.35 11.98 28.74
N GLN A 506 -9.45 10.87 29.47
CA GLN A 506 -10.52 10.69 30.46
C GLN A 506 -10.15 11.40 31.75
N LEU A 507 -10.26 12.73 31.71
CA LEU A 507 -9.93 13.56 32.86
C LEU A 507 -11.09 13.59 33.85
N GLY A 508 -10.76 13.84 35.11
CA GLY A 508 -11.76 13.90 36.15
C GLY A 508 -12.21 12.53 36.63
N ASP A 509 -12.86 11.77 35.74
CA ASP A 509 -13.33 10.43 36.07
C ASP A 509 -12.81 9.43 35.05
N GLN A 510 -13.29 8.19 35.13
CA GLN A 510 -12.84 7.15 34.21
C GLN A 510 -13.35 7.35 32.79
N LEU A 511 -14.30 8.26 32.58
CA LEU A 511 -14.81 8.54 31.25
C LEU A 511 -15.26 9.99 31.17
N LYS A 512 -14.98 10.63 30.04
CA LYS A 512 -15.42 11.99 29.78
C LYS A 512 -16.15 12.13 28.46
N ALA A 513 -15.72 11.40 27.42
CA ALA A 513 -16.37 11.43 26.12
C ALA A 513 -16.21 10.05 25.50
N ARG A 514 -17.23 9.20 25.65
CA ARG A 514 -17.19 7.85 25.15
C ARG A 514 -17.94 7.66 23.83
N THR A 515 -18.90 8.53 23.53
CA THR A 515 -19.73 8.44 22.33
C THR A 515 -20.39 7.08 22.22
N SER A 516 -20.86 6.72 21.02
CA SER A 516 -21.50 5.43 20.81
C SER A 516 -21.09 4.78 19.49
N TRP A 517 -20.05 5.28 18.83
CA TRP A 517 -19.51 4.68 17.61
C TRP A 517 -20.54 4.65 16.49
N LEU A 518 -21.63 3.90 16.69
CA LEU A 518 -22.60 3.69 15.61
C LEU A 518 -23.30 4.99 15.23
N ARG A 519 -23.78 5.74 16.23
CA ARG A 519 -24.62 6.90 15.94
C ARG A 519 -23.88 7.92 15.10
N ASP A 520 -22.64 8.25 15.47
CA ASP A 520 -21.85 9.17 14.66
C ASP A 520 -21.60 8.58 13.28
N MET A 521 -21.38 7.27 13.21
CA MET A 521 -21.25 6.60 11.92
C MET A 521 -22.48 6.82 11.05
N LYS A 522 -23.66 6.92 11.69
CA LYS A 522 -24.89 7.17 10.93
C LYS A 522 -24.81 8.48 10.15
N ALA A 523 -24.08 9.46 10.68
CA ALA A 523 -23.92 10.72 9.97
C ALA A 523 -22.95 10.60 8.80
N LEU A 524 -22.01 9.65 8.86
CA LEU A 524 -20.93 9.60 7.88
C LEU A 524 -21.45 9.26 6.49
N ILE A 525 -22.52 8.47 6.38
CA ILE A 525 -23.10 8.23 5.06
C ILE A 525 -23.71 9.50 4.50
N ARG A 526 -24.23 10.37 5.37
CA ARG A 526 -24.83 11.61 4.91
C ARG A 526 -23.81 12.60 4.33
N ASN A 527 -22.52 12.36 4.54
CA ASN A 527 -21.47 13.24 4.01
C ASN A 527 -21.15 12.78 2.60
N ARG A 528 -21.67 13.50 1.61
CA ARG A 528 -21.46 13.12 0.21
C ARG A 528 -19.98 13.22 -0.17
N SER A 529 -19.31 14.29 0.25
CA SER A 529 -17.91 14.46 -0.10
C SER A 529 -17.07 13.35 0.51
N TYR A 530 -17.32 13.00 1.77
CA TYR A 530 -16.57 11.94 2.41
C TYR A 530 -16.77 10.59 1.71
N VAL A 531 -18.02 10.27 1.37
CA VAL A 531 -18.30 9.00 0.71
C VAL A 531 -17.62 8.94 -0.66
N PHE A 532 -17.73 10.02 -1.43
CA PHE A 532 -17.14 10.02 -2.76
C PHE A 532 -15.61 9.97 -2.69
N SER A 533 -15.01 10.67 -1.73
CA SER A 533 -13.56 10.60 -1.57
C SER A 533 -13.12 9.19 -1.15
N SER A 534 -13.89 8.53 -0.28
CA SER A 534 -13.56 7.17 0.10
C SER A 534 -13.65 6.23 -1.09
N LEU A 535 -14.67 6.40 -1.94
CA LEU A 535 -14.78 5.56 -3.13
C LEU A 535 -13.61 5.81 -4.08
N ALA A 536 -13.21 7.06 -4.26
CA ALA A 536 -12.06 7.36 -5.11
C ALA A 536 -10.78 6.74 -4.55
N THR A 537 -10.60 6.80 -3.23
CA THR A 537 -9.45 6.17 -2.61
C THR A 537 -9.48 4.66 -2.81
N SER A 538 -10.66 4.06 -2.73
CA SER A 538 -10.78 2.62 -2.99
C SER A 538 -10.39 2.28 -4.42
N ALA A 539 -10.81 3.10 -5.38
CA ALA A 539 -10.42 2.87 -6.76
C ALA A 539 -8.90 2.99 -6.94
N VAL A 540 -8.30 3.99 -6.30
CA VAL A 540 -6.85 4.15 -6.38
C VAL A 540 -6.14 2.95 -5.78
N SER A 541 -6.64 2.45 -4.65
CA SER A 541 -6.04 1.28 -4.02
C SER A 541 -6.16 0.07 -4.93
N PHE A 542 -7.32 -0.11 -5.57
CA PHE A 542 -7.51 -1.19 -6.53
C PHE A 542 -6.44 -1.13 -7.62
N ALA A 543 -6.30 0.04 -8.24
CA ALA A 543 -5.35 0.18 -9.35
C ALA A 543 -3.92 -0.07 -8.88
N THR A 544 -3.55 0.52 -7.75
CA THR A 544 -2.17 0.38 -7.26
C THR A 544 -1.87 -1.07 -6.90
N GLY A 545 -2.78 -1.74 -6.22
CA GLY A 545 -2.54 -3.14 -5.86
C GLY A 545 -2.40 -4.03 -7.08
N ALA A 546 -3.33 -3.89 -8.03
CA ALA A 546 -3.27 -4.74 -9.22
C ALA A 546 -1.98 -4.50 -10.00
N LEU A 547 -1.64 -3.23 -10.25
CA LEU A 547 -0.45 -2.94 -11.03
C LEU A 547 0.81 -3.37 -10.30
N GLY A 548 0.92 -3.06 -9.01
CA GLY A 548 2.11 -3.45 -8.26
C GLY A 548 2.28 -4.95 -8.20
N MET A 549 1.18 -5.71 -8.17
CA MET A 549 1.32 -7.16 -8.14
C MET A 549 1.71 -7.72 -9.50
N TRP A 550 1.17 -7.17 -10.60
CA TRP A 550 1.28 -7.86 -11.88
C TRP A 550 2.21 -7.21 -12.90
N ILE A 551 2.77 -6.03 -12.63
CA ILE A 551 3.59 -5.34 -13.63
C ILE A 551 4.88 -6.10 -13.97
N PRO A 552 5.67 -6.56 -13.00
CA PRO A 552 6.93 -7.23 -13.38
C PRO A 552 6.73 -8.47 -14.25
N LEU A 553 5.71 -9.27 -13.98
CA LEU A 553 5.43 -10.42 -14.81
C LEU A 553 5.03 -10.01 -16.22
N TYR A 554 4.21 -8.96 -16.33
CA TYR A 554 3.82 -8.45 -17.64
C TYR A 554 5.05 -8.00 -18.43
N LEU A 555 5.95 -7.27 -17.76
CA LEU A 555 7.15 -6.79 -18.44
C LEU A 555 8.05 -7.95 -18.88
N HIS A 556 8.19 -8.96 -18.02
CA HIS A 556 9.00 -10.11 -18.40
C HIS A 556 8.40 -10.85 -19.59
N ARG A 557 7.08 -11.03 -19.60
CA ARG A 557 6.43 -11.70 -20.73
C ARG A 557 6.56 -10.88 -22.00
N ALA A 558 6.45 -9.55 -21.89
CA ALA A 558 6.63 -8.69 -23.05
C ALA A 558 8.05 -8.78 -23.58
N GLN A 559 9.03 -8.89 -22.69
CA GLN A 559 10.41 -9.04 -23.13
C GLN A 559 10.64 -10.40 -23.77
N VAL A 560 9.95 -11.43 -23.31
CA VAL A 560 10.20 -12.77 -23.86
C VAL A 560 9.48 -12.98 -25.18
N VAL A 561 8.31 -12.35 -25.39
CA VAL A 561 7.63 -12.51 -26.67
C VAL A 561 8.38 -11.79 -27.77
N GLN A 562 8.93 -10.60 -27.47
CA GLN A 562 9.68 -9.84 -28.45
C GLN A 562 11.02 -10.47 -28.77
N LYS A 563 11.44 -11.49 -28.01
CA LYS A 563 12.69 -12.21 -28.23
C LYS A 563 13.90 -11.28 -28.05
N THR A 564 14.01 -10.72 -26.85
CA THR A 564 15.19 -9.98 -26.45
C THR A 564 16.18 -10.87 -25.72
N ALA A 565 15.72 -11.57 -24.69
CA ALA A 565 16.50 -12.54 -23.95
C ALA A 565 15.91 -13.94 -24.14
N GLU A 566 16.53 -14.92 -23.51
CA GLU A 566 16.07 -16.29 -23.59
C GLU A 566 14.91 -16.53 -22.62
N THR A 567 14.36 -17.73 -22.66
CA THR A 567 13.26 -18.08 -21.76
C THR A 567 13.76 -18.22 -20.33
N CYS A 568 12.83 -18.47 -19.41
CA CYS A 568 13.18 -18.54 -18.00
C CYS A 568 13.99 -19.80 -17.70
N ASN A 569 14.77 -19.72 -16.62
CA ASN A 569 15.51 -20.83 -16.03
C ASN A 569 16.74 -21.23 -16.84
N SER A 570 16.93 -20.65 -18.03
CA SER A 570 18.22 -20.81 -18.69
C SER A 570 19.20 -19.78 -18.11
N PRO A 571 18.88 -18.48 -18.13
CA PRO A 571 19.59 -17.54 -17.27
C PRO A 571 18.86 -17.41 -15.95
N PRO A 572 19.28 -16.50 -15.06
CA PRO A 572 18.43 -16.20 -13.90
C PRO A 572 17.23 -15.34 -14.28
N CYS A 573 16.57 -15.70 -15.40
CA CYS A 573 15.35 -15.10 -15.90
C CYS A 573 15.34 -13.58 -15.80
N GLY A 574 14.19 -13.01 -15.47
CA GLY A 574 14.05 -11.56 -15.38
C GLY A 574 14.59 -11.00 -14.09
N ALA A 575 15.67 -10.23 -14.17
CA ALA A 575 16.29 -9.61 -13.01
C ALA A 575 16.42 -8.11 -13.11
N LYS A 576 16.73 -7.58 -14.30
CA LYS A 576 16.89 -6.14 -14.45
C LYS A 576 15.56 -5.41 -14.37
N ASP A 577 14.48 -6.04 -14.81
CA ASP A 577 13.19 -5.37 -14.85
C ASP A 577 12.69 -5.03 -13.45
N SER A 578 12.80 -5.97 -12.51
CA SER A 578 12.35 -5.71 -11.15
C SER A 578 13.19 -4.63 -10.48
N LEU A 579 14.51 -4.67 -10.68
CA LEU A 579 15.38 -3.64 -10.12
C LEU A 579 15.03 -2.26 -10.66
N ILE A 580 14.82 -2.18 -11.98
CA ILE A 580 14.47 -0.92 -12.59
C ILE A 580 13.13 -0.41 -12.03
N PHE A 581 12.14 -1.30 -11.94
CA PHE A 581 10.83 -0.91 -11.42
C PHE A 581 10.93 -0.41 -9.99
N GLY A 582 11.75 -1.07 -9.18
CA GLY A 582 12.02 -0.56 -7.85
C GLY A 582 12.60 0.84 -7.88
N ALA A 583 13.50 1.09 -8.84
CA ALA A 583 14.07 2.43 -8.95
C ALA A 583 12.99 3.47 -9.26
N ILE A 584 12.13 3.19 -10.24
CA ILE A 584 11.10 4.19 -10.56
C ILE A 584 10.16 4.39 -9.38
N THR A 585 9.73 3.33 -8.70
CA THR A 585 8.78 3.54 -7.62
C THR A 585 9.44 4.30 -6.46
N CYS A 586 10.71 4.01 -6.18
CA CYS A 586 11.41 4.71 -5.10
C CYS A 586 11.51 6.21 -5.39
N PHE A 587 11.88 6.58 -6.63
CA PHE A 587 11.94 7.99 -6.95
C PHE A 587 10.54 8.61 -7.00
N THR A 588 9.56 7.84 -7.48
CA THR A 588 8.26 8.39 -7.80
C THR A 588 7.41 8.66 -6.58
N GLY A 589 7.59 7.89 -5.50
CA GLY A 589 6.86 8.24 -4.29
C GLY A 589 7.09 9.70 -3.91
N PHE A 590 8.37 10.04 -3.76
CA PHE A 590 8.73 11.40 -3.41
C PHE A 590 8.33 12.39 -4.50
N LEU A 591 8.58 12.05 -5.76
CA LEU A 591 8.28 12.99 -6.84
C LEU A 591 6.79 13.31 -6.90
N GLY A 592 5.94 12.29 -6.80
CA GLY A 592 4.50 12.51 -6.85
C GLY A 592 3.99 13.27 -5.65
N VAL A 593 4.49 12.96 -4.46
CA VAL A 593 4.05 13.72 -3.29
C VAL A 593 4.42 15.19 -3.45
N VAL A 594 5.65 15.45 -3.90
CA VAL A 594 6.12 16.83 -4.05
C VAL A 594 5.27 17.57 -5.07
N THR A 595 5.03 16.95 -6.23
CA THR A 595 4.28 17.66 -7.27
C THR A 595 2.84 17.88 -6.87
N GLY A 596 2.22 16.91 -6.18
CA GLY A 596 0.87 17.12 -5.70
C GLY A 596 0.77 18.25 -4.69
N ALA A 597 1.72 18.28 -3.74
CA ALA A 597 1.72 19.35 -2.76
C ALA A 597 1.92 20.71 -3.42
N GLY A 598 2.83 20.79 -4.39
CA GLY A 598 3.07 22.06 -5.06
C GLY A 598 1.87 22.52 -5.86
N ALA A 599 1.23 21.61 -6.59
CA ALA A 599 0.05 21.97 -7.37
C ALA A 599 -1.08 22.43 -6.47
N THR A 600 -1.29 21.73 -5.34
CA THR A 600 -2.34 22.14 -4.41
C THR A 600 -2.03 23.52 -3.83
N ARG A 601 -0.77 23.76 -3.45
CA ARG A 601 -0.40 25.06 -2.88
C ARG A 601 -0.62 26.18 -3.89
N TRP A 602 -0.27 25.95 -5.15
CA TRP A 602 -0.46 26.99 -6.15
C TRP A 602 -1.94 27.23 -6.43
N CYS A 603 -2.73 26.15 -6.52
CA CYS A 603 -4.13 26.30 -6.91
C CYS A 603 -5.05 26.69 -5.77
N ARG A 604 -4.59 26.61 -4.51
CA ARG A 604 -5.46 26.97 -3.40
C ARG A 604 -5.82 28.45 -3.41
N LEU A 605 -4.92 29.30 -3.90
CA LEU A 605 -5.18 30.73 -3.90
C LEU A 605 -6.03 31.19 -5.07
N LYS A 606 -6.37 30.30 -6.01
CA LYS A 606 -7.20 30.66 -7.14
C LYS A 606 -8.67 30.27 -6.97
N THR A 607 -8.94 29.17 -6.27
CA THR A 607 -10.31 28.74 -6.04
C THR A 607 -10.34 27.87 -4.79
N GLN A 608 -11.56 27.67 -4.27
CA GLN A 608 -11.73 26.89 -3.05
C GLN A 608 -11.81 25.39 -3.29
N ARG A 609 -11.94 24.96 -4.53
CA ARG A 609 -12.05 23.54 -4.87
C ARG A 609 -10.76 23.02 -5.49
N ALA A 610 -9.62 23.49 -4.98
CA ALA A 610 -8.33 23.16 -5.59
C ALA A 610 -8.01 21.67 -5.43
N ASP A 611 -8.17 21.14 -4.22
CA ASP A 611 -7.73 19.77 -3.95
C ASP A 611 -8.49 18.73 -4.77
N PRO A 612 -9.82 18.69 -4.79
CA PRO A 612 -10.48 17.62 -5.56
C PRO A 612 -10.33 17.78 -7.06
N LEU A 613 -10.32 19.03 -7.56
CA LEU A 613 -10.10 19.23 -8.99
C LEU A 613 -8.69 18.78 -9.41
N VAL A 614 -7.69 19.10 -8.58
CA VAL A 614 -6.33 18.64 -8.86
C VAL A 614 -6.28 17.11 -8.84
N CYS A 615 -6.94 16.50 -7.86
CA CYS A 615 -6.97 15.03 -7.80
C CYS A 615 -7.61 14.44 -9.06
N ALA A 616 -8.72 15.03 -9.51
CA ALA A 616 -9.40 14.52 -10.69
C ALA A 616 -8.52 14.66 -11.93
N VAL A 617 -7.86 15.80 -12.09
CA VAL A 617 -6.98 15.99 -13.24
C VAL A 617 -5.84 14.99 -13.21
N GLY A 618 -5.24 14.79 -12.04
CA GLY A 618 -4.18 13.80 -11.92
C GLY A 618 -4.65 12.40 -12.24
N MET A 619 -5.85 12.05 -11.79
CA MET A 619 -6.41 10.73 -12.11
C MET A 619 -6.62 10.56 -13.60
N LEU A 620 -7.16 11.59 -14.27
CA LEU A 620 -7.36 11.50 -15.71
C LEU A 620 -6.04 11.31 -16.45
N GLY A 621 -5.01 12.09 -16.06
CA GLY A 621 -3.72 11.92 -16.69
C GLY A 621 -3.11 10.55 -16.46
N SER A 622 -3.21 10.05 -15.22
CA SER A 622 -2.69 8.73 -14.91
C SER A 622 -3.43 7.66 -15.71
N ALA A 623 -4.74 7.78 -15.84
CA ALA A 623 -5.51 6.82 -16.62
C ALA A 623 -5.09 6.84 -18.09
N ILE A 624 -4.86 8.04 -18.63
CA ILE A 624 -4.44 8.15 -20.03
C ILE A 624 -3.10 7.46 -20.23
N PHE A 625 -2.15 7.71 -19.33
CA PHE A 625 -0.82 7.11 -19.51
C PHE A 625 -0.84 5.60 -19.26
N ILE A 626 -1.66 5.14 -18.32
CA ILE A 626 -1.80 3.71 -18.09
C ILE A 626 -2.44 3.02 -19.28
N CYS A 627 -3.38 3.68 -19.95
CA CYS A 627 -3.89 3.13 -21.20
C CYS A 627 -2.83 3.13 -22.29
N LEU A 628 -1.96 4.15 -22.30
CA LEU A 628 -0.97 4.26 -23.36
C LEU A 628 0.12 3.20 -23.23
N ILE A 629 0.52 2.85 -22.00
CA ILE A 629 1.64 1.93 -21.82
C ILE A 629 1.32 0.56 -22.42
N PHE A 630 0.06 0.14 -22.34
CA PHE A 630 -0.29 -1.21 -22.76
C PHE A 630 -0.09 -1.40 -24.26
N VAL A 631 -0.41 -0.38 -25.05
CA VAL A 631 -0.12 -0.45 -26.48
C VAL A 631 1.31 -0.04 -26.80
N ALA A 632 1.97 0.70 -25.93
CA ALA A 632 3.35 1.09 -26.19
C ALA A 632 4.33 -0.06 -25.96
N ALA A 633 4.02 -0.97 -25.03
CA ALA A 633 4.94 -2.03 -24.67
C ALA A 633 5.15 -3.06 -25.77
N LYS A 634 4.28 -3.07 -26.79
CA LYS A 634 4.42 -4.06 -27.86
C LYS A 634 5.71 -3.86 -28.64
N SER A 635 6.07 -2.61 -28.92
CA SER A 635 7.23 -2.32 -29.76
C SER A 635 8.53 -2.22 -28.97
N SER A 636 8.60 -1.31 -28.02
CA SER A 636 9.81 -1.05 -27.27
C SER A 636 9.50 -0.92 -25.78
N ILE A 637 10.53 -1.13 -24.97
CA ILE A 637 10.37 -1.12 -23.52
C ILE A 637 10.69 0.24 -22.90
N VAL A 638 11.49 1.08 -23.56
CA VAL A 638 11.83 2.39 -23.01
C VAL A 638 10.58 3.26 -22.91
N GLY A 639 9.74 3.23 -23.94
CA GLY A 639 8.47 3.94 -23.86
C GLY A 639 7.59 3.40 -22.76
N ALA A 640 7.60 2.08 -22.55
CA ALA A 640 6.85 1.50 -21.45
C ALA A 640 7.33 2.02 -20.11
N TYR A 641 8.65 2.12 -19.94
CA TYR A 641 9.20 2.63 -18.69
C TYR A 641 8.87 4.10 -18.49
N ILE A 642 8.92 4.90 -19.56
CA ILE A 642 8.56 6.31 -19.45
C ILE A 642 7.10 6.46 -19.06
N CYS A 643 6.23 5.66 -19.68
CA CYS A 643 4.81 5.69 -19.32
C CYS A 643 4.61 5.25 -17.88
N ILE A 644 5.36 4.24 -17.43
CA ILE A 644 5.31 3.83 -16.04
C ILE A 644 5.66 5.00 -15.13
N PHE A 645 6.74 5.70 -15.46
CA PHE A 645 7.16 6.86 -14.66
C PHE A 645 6.03 7.88 -14.56
N VAL A 646 5.50 8.30 -15.70
CA VAL A 646 4.52 9.39 -15.71
C VAL A 646 3.24 8.98 -14.99
N GLY A 647 2.74 7.78 -15.31
CA GLY A 647 1.53 7.30 -14.65
C GLY A 647 1.72 7.13 -13.16
N GLU A 648 2.92 6.70 -12.75
CA GLU A 648 3.23 6.56 -11.34
C GLU A 648 3.13 7.90 -10.61
N THR A 649 3.78 8.93 -11.17
CA THR A 649 3.70 10.24 -10.53
C THR A 649 2.26 10.74 -10.47
N LEU A 650 1.55 10.64 -11.59
CA LEU A 650 0.19 11.16 -11.63
C LEU A 650 -0.74 10.39 -10.69
N LEU A 651 -0.47 9.10 -10.48
CA LEU A 651 -1.30 8.31 -9.59
C LEU A 651 -1.02 8.61 -8.13
N PHE A 652 0.25 8.74 -7.75
CA PHE A 652 0.60 8.99 -6.36
C PHE A 652 0.57 10.46 -5.97
N SER A 653 0.27 11.37 -6.91
CA SER A 653 0.14 12.77 -6.53
C SER A 653 -1.00 13.04 -5.57
N ASN A 654 -1.95 12.12 -5.43
CA ASN A 654 -3.16 12.35 -4.65
C ASN A 654 -3.06 11.86 -3.21
N TRP A 655 -1.92 11.27 -2.81
CA TRP A 655 -1.83 10.60 -1.52
C TRP A 655 -2.09 11.57 -0.38
N ALA A 656 -1.25 12.61 -0.25
CA ALA A 656 -1.40 13.55 0.85
C ALA A 656 -2.70 14.32 0.74
N ILE A 657 -3.13 14.64 -0.48
CA ILE A 657 -4.32 15.46 -0.67
C ILE A 657 -5.56 14.72 -0.20
N THR A 658 -5.60 13.38 -0.35
CA THR A 658 -6.75 12.63 0.15
C THR A 658 -6.91 12.79 1.66
N ALA A 659 -5.83 12.62 2.42
CA ALA A 659 -5.90 12.80 3.86
C ALA A 659 -6.22 14.25 4.22
N ASP A 660 -5.66 15.20 3.46
CA ASP A 660 -5.93 16.60 3.73
C ASP A 660 -7.42 16.92 3.58
N ILE A 661 -8.04 16.46 2.49
CA ILE A 661 -9.45 16.75 2.27
C ILE A 661 -10.31 16.00 3.29
N LEU A 662 -9.90 14.78 3.67
CA LEU A 662 -10.64 14.05 4.68
C LEU A 662 -10.67 14.82 6.00
N MET A 663 -9.50 15.29 6.45
CA MET A 663 -9.45 16.07 7.67
C MET A 663 -10.14 17.42 7.50
N TYR A 664 -10.20 17.91 6.27
CA TYR A 664 -10.74 19.24 5.99
C TYR A 664 -12.25 19.23 5.89
N VAL A 665 -12.87 18.06 5.72
CA VAL A 665 -14.33 17.98 5.57
C VAL A 665 -15.00 17.60 6.87
N VAL A 666 -14.66 16.43 7.42
CA VAL A 666 -15.36 15.88 8.57
C VAL A 666 -14.90 16.59 9.84
N ILE A 667 -15.80 16.69 10.82
CA ILE A 667 -15.53 17.37 12.08
C ILE A 667 -14.48 16.59 12.86
N PRO A 668 -13.70 17.24 13.73
CA PRO A 668 -12.63 16.52 14.45
C PRO A 668 -13.14 15.39 15.34
N THR A 669 -14.31 15.54 15.96
CA THR A 669 -14.75 14.59 16.97
C THR A 669 -14.89 13.18 16.40
N ARG A 670 -15.48 13.06 15.21
CA ARG A 670 -15.61 11.78 14.55
C ARG A 670 -14.40 11.43 13.68
N ARG A 671 -13.42 12.33 13.59
CA ARG A 671 -12.34 12.18 12.63
C ARG A 671 -11.69 10.80 12.72
N ALA A 672 -11.31 10.40 13.93
CA ALA A 672 -10.63 9.11 14.10
C ALA A 672 -11.44 7.98 13.50
N THR A 673 -12.75 7.95 13.78
CA THR A 673 -13.59 6.89 13.23
C THR A 673 -13.49 6.83 11.71
N ALA A 674 -13.53 7.98 11.05
CA ALA A 674 -13.37 8.01 9.60
C ALA A 674 -12.07 7.34 9.20
N VAL A 675 -10.96 7.72 9.84
CA VAL A 675 -9.66 7.16 9.49
C VAL A 675 -9.66 5.65 9.60
N ALA A 676 -10.54 5.08 10.42
CA ALA A 676 -10.71 3.63 10.41
C ALA A 676 -11.60 3.20 9.25
N LEU A 677 -12.84 3.71 9.21
CA LEU A 677 -13.84 3.15 8.31
C LEU A 677 -13.38 3.24 6.86
N GLN A 678 -12.91 4.42 6.46
CA GLN A 678 -12.45 4.63 5.07
C GLN A 678 -11.41 3.56 4.78
N SER A 679 -10.44 3.42 5.66
CA SER A 679 -9.37 2.45 5.44
C SER A 679 -9.94 1.08 5.14
N PHE A 680 -10.91 0.64 5.95
CA PHE A 680 -11.57 -0.63 5.68
C PHE A 680 -12.17 -0.64 4.28
N THR A 681 -12.92 0.41 3.94
CA THR A 681 -13.46 0.51 2.59
C THR A 681 -12.33 0.59 1.57
N SER A 682 -11.25 1.31 1.90
CA SER A 682 -10.11 1.41 1.00
C SER A 682 -9.53 0.03 0.69
N HIS A 683 -9.78 -0.95 1.56
CA HIS A 683 -9.37 -2.32 1.26
C HIS A 683 -10.52 -3.19 0.78
N LEU A 684 -11.77 -2.82 1.06
CA LEU A 684 -12.89 -3.70 0.74
C LEU A 684 -13.12 -3.78 -0.75
N LEU A 685 -13.15 -2.63 -1.43
CA LEU A 685 -13.35 -2.58 -2.86
C LEU A 685 -12.05 -2.32 -3.62
N GLY A 686 -10.92 -2.33 -2.93
CA GLY A 686 -9.66 -2.02 -3.57
C GLY A 686 -8.84 -3.25 -3.94
N ASP A 687 -7.78 -3.52 -3.17
CA ASP A 687 -6.87 -4.61 -3.46
C ASP A 687 -7.20 -5.88 -2.68
N ALA A 688 -8.44 -6.01 -2.21
CA ALA A 688 -8.84 -7.27 -1.58
C ALA A 688 -8.85 -8.41 -2.58
N GLY A 689 -9.39 -8.17 -3.78
CA GLY A 689 -9.48 -9.20 -4.78
C GLY A 689 -9.04 -8.78 -6.15
N SER A 690 -8.41 -7.61 -6.25
CA SER A 690 -7.94 -7.13 -7.55
C SER A 690 -6.91 -8.06 -8.18
N PRO A 691 -5.86 -8.53 -7.49
CA PRO A 691 -4.95 -9.48 -8.14
C PRO A 691 -5.63 -10.78 -8.50
N TYR A 692 -6.52 -11.27 -7.63
CA TYR A 692 -7.28 -12.47 -7.95
C TYR A 692 -8.18 -12.24 -9.15
N LEU A 693 -8.82 -11.07 -9.23
CA LEU A 693 -9.69 -10.78 -10.38
C LEU A 693 -8.88 -10.74 -11.67
N ILE A 694 -7.71 -10.11 -11.64
CA ILE A 694 -6.88 -10.04 -12.84
C ILE A 694 -6.43 -11.44 -13.26
N GLY A 695 -6.01 -12.26 -12.29
CA GLY A 695 -5.62 -13.61 -12.61
C GLY A 695 -6.76 -14.44 -13.17
N PHE A 696 -7.96 -14.27 -12.60
CA PHE A 696 -9.12 -15.01 -13.10
C PHE A 696 -9.47 -14.60 -14.53
N ILE A 697 -9.43 -13.29 -14.82
CA ILE A 697 -9.74 -12.83 -16.16
C ILE A 697 -8.69 -13.34 -17.15
N SER A 698 -7.41 -13.29 -16.76
CA SER A 698 -6.36 -13.80 -17.63
C SER A 698 -6.55 -15.30 -17.91
N ASP A 699 -6.89 -16.06 -16.87
CA ASP A 699 -7.10 -17.50 -17.06
C ASP A 699 -8.29 -17.76 -17.96
N LEU A 700 -9.38 -17.00 -17.79
CA LEU A 700 -10.55 -17.18 -18.65
C LEU A 700 -10.23 -16.86 -20.10
N ILE A 701 -9.47 -15.80 -20.34
CA ILE A 701 -9.10 -15.45 -21.70
C ILE A 701 -8.21 -16.52 -22.31
N ARG A 702 -7.23 -17.01 -21.54
CA ARG A 702 -6.28 -17.98 -22.08
C ARG A 702 -6.87 -19.38 -22.22
N GLN A 703 -7.95 -19.68 -21.50
CA GLN A 703 -8.52 -21.03 -21.55
C GLN A 703 -9.07 -21.35 -22.94
N SER A 704 -9.72 -20.38 -23.58
CA SER A 704 -10.32 -20.58 -24.89
C SER A 704 -9.34 -20.35 -26.03
N THR A 705 -8.03 -20.44 -25.76
CA THR A 705 -7.02 -20.23 -26.78
C THR A 705 -5.83 -21.13 -26.49
N LYS A 706 -5.08 -21.46 -27.53
CA LYS A 706 -3.90 -22.29 -27.38
C LYS A 706 -2.84 -21.59 -26.53
N ASP A 707 -2.10 -22.39 -25.77
CA ASP A 707 -1.09 -21.85 -24.85
C ASP A 707 0.18 -21.51 -25.63
N SER A 708 0.43 -20.23 -25.82
CA SER A 708 1.64 -19.74 -26.47
C SER A 708 2.13 -18.51 -25.72
N PRO A 709 3.46 -18.27 -25.73
CA PRO A 709 3.96 -17.10 -25.00
C PRO A 709 3.37 -15.79 -25.49
N LEU A 710 3.21 -15.63 -26.80
CA LEU A 710 2.61 -14.41 -27.33
C LEU A 710 1.18 -14.27 -26.86
N TRP A 711 0.42 -15.37 -26.85
CA TRP A 711 -0.95 -15.30 -26.35
C TRP A 711 -0.99 -15.09 -24.85
N GLU A 712 -0.01 -15.62 -24.12
CA GLU A 712 0.07 -15.33 -22.69
C GLU A 712 0.24 -13.83 -22.45
N PHE A 713 1.19 -13.21 -23.15
CA PHE A 713 1.41 -11.78 -22.99
C PHE A 713 0.19 -10.97 -23.41
N LEU A 714 -0.43 -11.34 -24.53
CA LEU A 714 -1.60 -10.61 -24.99
C LEU A 714 -2.76 -10.73 -24.02
N SER A 715 -2.98 -11.93 -23.48
CA SER A 715 -4.06 -12.12 -22.52
C SER A 715 -3.80 -11.34 -21.23
N LEU A 716 -2.55 -11.33 -20.76
CA LEU A 716 -2.26 -10.54 -19.57
C LEU A 716 -2.48 -9.05 -19.82
N GLY A 717 -2.08 -8.56 -21.00
CA GLY A 717 -2.33 -7.16 -21.31
C GLY A 717 -3.82 -6.83 -21.37
N TYR A 718 -4.60 -7.70 -22.03
CA TYR A 718 -6.04 -7.46 -22.12
C TYR A 718 -6.69 -7.48 -20.75
N ALA A 719 -6.26 -8.39 -19.88
CA ALA A 719 -6.80 -8.43 -18.53
C ALA A 719 -6.42 -7.18 -17.74
N LEU A 720 -5.15 -6.75 -17.85
CA LEU A 720 -4.71 -5.57 -17.13
C LEU A 720 -5.38 -4.29 -17.65
N MET A 721 -5.89 -4.31 -18.88
CA MET A 721 -6.59 -3.15 -19.42
C MET A 721 -7.76 -2.70 -18.56
N LEU A 722 -8.15 -3.49 -17.57
CA LEU A 722 -9.27 -3.11 -16.70
C LEU A 722 -8.91 -1.94 -15.79
N CYS A 723 -7.64 -1.81 -15.41
CA CYS A 723 -7.25 -0.80 -14.42
C CYS A 723 -7.54 0.64 -14.86
N PRO A 724 -7.18 1.07 -16.08
CA PRO A 724 -7.48 2.47 -16.45
C PRO A 724 -8.96 2.83 -16.39
N PHE A 725 -9.85 1.86 -16.65
CA PHE A 725 -11.28 2.13 -16.48
C PHE A 725 -11.61 2.46 -15.04
N VAL A 726 -11.04 1.72 -14.09
CA VAL A 726 -11.27 2.01 -12.68
C VAL A 726 -10.66 3.35 -12.29
N VAL A 727 -9.50 3.69 -12.88
CA VAL A 727 -8.89 4.99 -12.60
C VAL A 727 -9.78 6.12 -13.10
N VAL A 728 -10.38 5.95 -14.29
CA VAL A 728 -11.30 6.95 -14.80
C VAL A 728 -12.52 7.08 -13.90
N LEU A 729 -13.02 5.94 -13.40
CA LEU A 729 -14.13 5.99 -12.46
C LEU A 729 -13.76 6.75 -11.19
N GLY A 730 -12.54 6.53 -10.70
CA GLY A 730 -12.07 7.27 -9.53
C GLY A 730 -11.97 8.76 -9.80
N GLY A 731 -11.52 9.13 -11.00
CA GLY A 731 -11.49 10.55 -11.37
C GLY A 731 -12.89 11.16 -11.39
N MET A 732 -13.85 10.42 -11.93
CA MET A 732 -15.24 10.89 -11.91
C MET A 732 -15.74 11.05 -10.48
N PHE A 733 -15.38 10.12 -9.61
CA PHE A 733 -15.77 10.23 -8.21
C PHE A 733 -15.15 11.45 -7.55
N PHE A 734 -13.90 11.75 -7.89
CA PHE A 734 -13.26 12.95 -7.34
C PHE A 734 -13.93 14.22 -7.85
N LEU A 735 -14.35 14.22 -9.11
CA LEU A 735 -15.11 15.36 -9.63
C LEU A 735 -16.43 15.51 -8.87
N ALA A 736 -17.10 14.39 -8.59
CA ALA A 736 -18.30 14.44 -7.77
C ALA A 736 -18.01 15.01 -6.39
N THR A 737 -16.84 14.65 -5.83
CA THR A 737 -16.42 15.23 -4.56
C THR A 737 -16.27 16.75 -4.68
N ALA A 738 -15.64 17.20 -5.76
CA ALA A 738 -15.46 18.64 -5.97
C ALA A 738 -16.79 19.35 -6.10
N LEU A 739 -17.82 18.64 -6.58
CA LEU A 739 -19.13 19.26 -6.74
C LEU A 739 -19.68 19.73 -5.40
N PHE A 740 -19.51 18.93 -4.34
CA PHE A 740 -20.14 19.19 -3.05
C PHE A 740 -19.15 19.57 -1.95
N PHE A 741 -17.87 19.70 -2.27
CA PHE A 741 -16.86 19.96 -1.23
C PHE A 741 -17.14 21.26 -0.49
N VAL A 742 -17.45 22.33 -1.23
CA VAL A 742 -17.64 23.63 -0.60
C VAL A 742 -18.86 23.61 0.33
N SER A 743 -19.97 23.04 -0.14
CA SER A 743 -21.16 22.98 0.69
C SER A 743 -20.93 22.15 1.95
N ASP A 744 -20.26 20.99 1.80
CA ASP A 744 -19.99 20.17 2.98
C ASP A 744 -19.07 20.88 3.95
N ARG A 745 -18.06 21.60 3.45
CA ARG A 745 -17.17 22.35 4.32
C ARG A 745 -17.92 23.45 5.05
N ALA A 746 -18.82 24.15 4.36
CA ALA A 746 -19.60 25.20 5.01
C ALA A 746 -20.49 24.63 6.10
N ARG A 747 -21.14 23.49 5.83
CA ARG A 747 -21.97 22.86 6.85
C ARG A 747 -21.14 22.43 8.05
N ALA A 748 -19.96 21.84 7.81
CA ALA A 748 -19.11 21.41 8.91
C ALA A 748 -18.64 22.60 9.73
N GLU A 749 -18.27 23.71 9.07
CA GLU A 749 -17.84 24.89 9.79
C GLU A 749 -18.96 25.45 10.65
N GLN A 750 -20.17 25.54 10.09
CA GLN A 750 -21.30 26.03 10.86
C GLN A 750 -21.58 25.16 12.06
N GLN A 751 -21.55 23.84 11.87
CA GLN A 751 -21.83 22.92 12.97
C GLN A 751 -20.77 23.05 14.07
N VAL A 752 -19.50 23.05 13.70
CA VAL A 752 -18.43 23.09 14.70
C VAL A 752 -18.39 24.43 15.41
N ASN A 753 -18.76 25.52 14.71
CA ASN A 753 -18.77 26.82 15.36
C ASN A 753 -19.96 26.96 16.30
N GLN A 754 -21.14 26.47 15.90
CA GLN A 754 -22.33 26.63 16.71
C GLN A 754 -22.42 25.62 17.84
N LEU A 755 -21.65 24.52 17.79
CA LEU A 755 -21.64 23.58 18.90
C LEU A 755 -20.96 24.19 20.12
N ALA A 756 -19.90 24.98 19.91
CA ALA A 756 -19.19 25.59 21.03
C ALA A 756 -20.06 26.58 21.77
#